data_9NIT
#
_entry.id   9NIT
#
_cell.length_a   121.024
_cell.length_b   121.024
_cell.length_c   70.545
_cell.angle_alpha   90.00
_cell.angle_beta   90.00
_cell.angle_gamma   90.00
#
_symmetry.space_group_name_H-M   'I 41 2 2'
#
loop_
_entity.id
_entity.type
_entity.pdbx_description
1 polymer 'histidine kinase'
2 non-polymer (2S)-2-aminopropan-1-ol
3 non-polymer 'CHLORIDE ION'
4 water water
#
_entity_poly.entity_id   1
_entity_poly.type   'polypeptide(L)'
_entity_poly.pdbx_seq_one_letter_code
;NNLALRAELLATQIREPLNNSIGVLQSLTSIGKSAADKEEQERMLRSLFSVVGGVIISGGLWPEPNLSATDPSLRYDSLF
FNKATDGQVDQLSSWNNPKAGGYDRESWYLAAEREAEGLYFWSPVYVDPYTRVEMITVSTPYYRNGQFAGVATVDLSLES
LIQFVAATAEQYNLGVNLKDAFGVEVVSHNFRTYDNALVSYYSFGEFNWQIEVVNAN
;
_entity_poly.pdbx_strand_id   A
#
loop_
_chem_comp.id
_chem_comp.type
_chem_comp.name
_chem_comp.formula
2A1 non-polymer (2S)-2-aminopropan-1-ol 'C3 H9 N O'
CL non-polymer 'CHLORIDE ION' 'Cl -1'
#
# COMPACT_ATOMS: atom_id res chain seq x y z
N ASN A 1 12.55 -16.35 -28.65
CA ASN A 1 11.60 -16.44 -27.56
C ASN A 1 11.96 -15.40 -26.51
N ASN A 2 13.13 -15.55 -25.90
CA ASN A 2 13.59 -14.64 -24.85
C ASN A 2 12.58 -14.52 -23.72
N LEU A 3 11.93 -15.64 -23.36
CA LEU A 3 10.91 -15.59 -22.31
C LEU A 3 11.50 -15.05 -21.00
N ALA A 4 12.63 -15.62 -20.57
CA ALA A 4 13.21 -15.17 -19.31
C ALA A 4 13.51 -13.68 -19.33
N LEU A 5 14.06 -13.19 -20.44
CA LEU A 5 14.39 -11.76 -20.52
C LEU A 5 13.14 -10.90 -20.39
N ARG A 6 12.10 -11.25 -21.14
CA ARG A 6 10.89 -10.42 -21.12
C ARG A 6 10.20 -10.52 -19.75
N ALA A 7 10.29 -11.68 -19.11
CA ALA A 7 9.73 -11.80 -17.77
C ALA A 7 10.46 -10.90 -16.78
N GLU A 8 11.78 -10.74 -16.96
CA GLU A 8 12.51 -9.81 -16.10
C GLU A 8 12.09 -8.37 -16.39
N LEU A 9 11.94 -8.02 -17.68
CA LEU A 9 11.49 -6.69 -18.03
C LEU A 9 10.15 -6.37 -17.41
N LEU A 10 9.25 -7.34 -17.39
CA LEU A 10 7.94 -7.17 -16.76
C LEU A 10 8.09 -7.04 -15.25
N ALA A 11 8.90 -7.89 -14.62
CA ALA A 11 9.08 -7.79 -13.19
C ALA A 11 9.60 -6.41 -12.79
N THR A 12 10.50 -5.84 -13.60
CA THR A 12 11.04 -4.53 -13.27
C THR A 12 9.92 -3.48 -13.24
N GLN A 13 8.96 -3.60 -14.16
CA GLN A 13 7.84 -2.67 -14.17
C GLN A 13 6.91 -2.92 -12.98
N ILE A 14 6.66 -4.18 -12.66
CA ILE A 14 5.82 -4.52 -11.51
C ILE A 14 6.45 -4.01 -10.23
N ARG A 15 7.79 -3.83 -10.22
CA ARG A 15 8.46 -3.29 -9.06
C ARG A 15 8.23 -1.81 -8.87
N GLU A 16 7.87 -1.09 -9.93
CA GLU A 16 7.74 0.36 -9.82
C GLU A 16 6.70 0.77 -8.78
N PRO A 17 5.48 0.21 -8.76
CA PRO A 17 4.55 0.56 -7.67
C PRO A 17 5.06 0.19 -6.30
N LEU A 18 5.82 -0.90 -6.19
CA LEU A 18 6.45 -1.28 -4.93
C LEU A 18 7.44 -0.21 -4.47
N ASN A 19 8.38 0.17 -5.33
CA ASN A 19 9.33 1.21 -4.95
C ASN A 19 8.61 2.52 -4.67
N ASN A 20 7.57 2.83 -5.46
CA ASN A 20 6.81 4.06 -5.27
C ASN A 20 6.21 4.12 -3.87
N SER A 21 5.59 3.02 -3.44
CA SER A 21 4.95 2.97 -2.13
C SER A 21 5.95 3.18 -1.01
N ILE A 22 7.10 2.51 -1.11
CA ILE A 22 8.15 2.66 -0.12
C ILE A 22 8.58 4.12 -0.02
N GLY A 23 8.79 4.79 -1.16
CA GLY A 23 9.26 6.16 -1.12
C GLY A 23 8.27 7.09 -0.46
N VAL A 24 6.98 6.88 -0.70
CA VAL A 24 5.97 7.73 -0.09
C VAL A 24 5.88 7.46 1.40
N LEU A 25 6.04 6.19 1.80
CA LEU A 25 6.06 5.90 3.23
C LEU A 25 7.24 6.56 3.92
N GLN A 26 8.40 6.61 3.26
CA GLN A 26 9.53 7.29 3.86
C GLN A 26 9.22 8.77 4.08
N SER A 27 8.48 9.40 3.15
CA SER A 27 8.09 10.79 3.37
C SER A 27 7.10 10.90 4.52
N LEU A 28 6.14 9.97 4.59
CA LEU A 28 5.17 10.00 5.68
C LEU A 28 5.86 9.86 7.03
N THR A 29 6.80 8.92 7.15
CA THR A 29 7.44 8.73 8.45
C THR A 29 8.31 9.93 8.81
N SER A 30 8.88 10.61 7.81
CA SER A 30 9.58 11.86 8.07
C SER A 30 8.64 12.88 8.70
N ILE A 31 7.45 13.04 8.13
CA ILE A 31 6.47 13.96 8.69
C ILE A 31 6.06 13.54 10.10
N GLY A 32 5.80 12.24 10.30
CA GLY A 32 5.38 11.77 11.60
C GLY A 32 6.44 11.92 12.67
N LYS A 33 7.70 11.70 12.31
CA LYS A 33 8.79 11.83 13.27
C LYS A 33 9.15 13.26 13.61
N SER A 34 8.67 14.22 12.81
CA SER A 34 9.07 15.61 12.93
C SER A 34 8.38 16.27 14.12
N ALA A 35 8.80 17.50 14.41
CA ALA A 35 8.17 18.32 15.43
C ALA A 35 7.02 19.17 14.91
N ALA A 36 6.62 19.00 13.65
CA ALA A 36 5.50 19.77 13.11
C ALA A 36 4.22 19.50 13.89
N ASP A 37 3.43 20.54 14.13
CA ASP A 37 2.17 20.34 14.83
C ASP A 37 1.13 19.75 13.88
N LYS A 38 -0.03 19.39 14.42
CA LYS A 38 -1.04 18.68 13.65
C LYS A 38 -1.42 19.43 12.38
N GLU A 39 -1.54 20.75 12.48
CA GLU A 39 -2.01 21.55 11.34
C GLU A 39 -0.95 21.61 10.25
N GLU A 40 0.32 21.75 10.63
CA GLU A 40 1.40 21.68 9.67
C GLU A 40 1.48 20.30 9.02
N GLN A 41 1.28 19.24 9.81
CA GLN A 41 1.33 17.90 9.25
C GLN A 41 0.21 17.68 8.25
N GLU A 42 -1.00 18.15 8.57
CA GLU A 42 -2.11 18.03 7.62
C GLU A 42 -1.77 18.72 6.30
N ARG A 43 -1.15 19.90 6.38
CA ARG A 43 -0.79 20.61 5.16
C ARG A 43 0.25 19.85 4.36
N MET A 44 1.26 19.29 5.05
CA MET A 44 2.30 18.58 4.32
C MET A 44 1.77 17.29 3.73
N LEU A 45 0.87 16.60 4.44
CA LEU A 45 0.29 15.37 3.92
C LEU A 45 -0.64 15.64 2.75
N ARG A 46 -1.43 16.71 2.83
CA ARG A 46 -2.25 17.09 1.68
C ARG A 46 -1.37 17.34 0.46
N SER A 47 -0.28 18.07 0.64
CA SER A 47 0.64 18.34 -0.47
C SER A 47 1.25 17.04 -0.99
N LEU A 48 1.71 16.17 -0.09
CA LEU A 48 2.30 14.91 -0.50
C LEU A 48 1.34 14.11 -1.37
N PHE A 49 0.10 13.93 -0.91
CA PHE A 49 -0.82 13.10 -1.70
C PHE A 49 -1.26 13.83 -2.95
N SER A 50 -1.07 15.15 -2.99
CA SER A 50 -1.29 15.88 -4.23
C SER A 50 -0.21 15.59 -5.26
N VAL A 51 1.02 15.31 -4.83
CA VAL A 51 2.10 15.19 -5.81
C VAL A 51 2.38 13.73 -6.19
N VAL A 52 2.09 12.79 -5.29
CA VAL A 52 2.31 11.40 -5.62
C VAL A 52 1.39 10.99 -6.77
N GLY A 53 1.82 9.98 -7.54
CA GLY A 53 1.02 9.49 -8.64
C GLY A 53 1.04 7.98 -8.74
N GLY A 54 0.97 7.46 -9.96
CA GLY A 54 0.94 6.02 -10.13
C GLY A 54 -0.32 5.43 -9.54
N VAL A 55 -0.16 4.26 -8.89
CA VAL A 55 -1.31 3.57 -8.34
C VAL A 55 -1.65 4.02 -6.94
N ILE A 56 -0.92 4.97 -6.39
CA ILE A 56 -1.15 5.39 -5.01
C ILE A 56 -2.38 6.29 -4.98
N ILE A 57 -3.33 5.93 -4.12
CA ILE A 57 -4.65 6.56 -4.12
C ILE A 57 -4.99 7.21 -2.78
N SER A 58 -4.33 6.84 -1.69
CA SER A 58 -4.72 7.35 -0.37
C SER A 58 -3.70 6.87 0.65
N GLY A 59 -3.80 7.39 1.87
CA GLY A 59 -2.94 6.97 2.95
C GLY A 59 -2.82 8.08 3.99
N GLY A 60 -1.86 7.92 4.90
CA GLY A 60 -1.63 8.95 5.91
C GLY A 60 -0.97 8.42 7.17
N LEU A 61 -1.23 9.12 8.28
CA LEU A 61 -0.63 8.83 9.58
C LEU A 61 -1.69 8.38 10.58
N TRP A 62 -1.32 7.43 11.44
CA TRP A 62 -2.23 6.81 12.39
C TRP A 62 -1.51 6.82 13.73
N PRO A 63 -1.62 7.93 14.47
CA PRO A 63 -0.91 8.01 15.76
C PRO A 63 -1.47 7.02 16.75
N GLU A 64 -0.59 6.52 17.61
CA GLU A 64 -1.05 5.66 18.69
C GLU A 64 -2.19 6.35 19.45
N PRO A 65 -3.35 5.72 19.59
CA PRO A 65 -4.47 6.40 20.25
C PRO A 65 -4.21 6.62 21.73
N ASN A 66 -4.87 7.64 22.27
CA ASN A 66 -4.98 7.85 23.73
C ASN A 66 -6.43 7.48 24.07
N LEU A 67 -6.68 6.19 24.30
CA LEU A 67 -8.04 5.73 24.55
C LEU A 67 -8.53 6.09 25.95
N SER A 68 -7.62 6.52 26.84
CA SER A 68 -8.00 6.92 28.20
C SER A 68 -8.61 8.32 28.24
N ALA A 69 -8.51 9.10 27.17
CA ALA A 69 -8.99 10.46 27.16
C ALA A 69 -10.49 10.51 27.47
N THR A 70 -10.87 11.40 28.39
CA THR A 70 -12.28 11.53 28.77
C THR A 70 -13.12 12.03 27.59
N ASP A 71 -12.60 12.99 26.84
CA ASP A 71 -13.32 13.53 25.69
C ASP A 71 -13.23 12.55 24.53
N PRO A 72 -14.36 12.02 24.04
CA PRO A 72 -14.26 11.04 22.94
C PRO A 72 -13.57 11.58 21.71
N SER A 73 -13.69 12.89 21.44
CA SER A 73 -13.12 13.46 20.22
C SER A 73 -11.61 13.52 20.22
N LEU A 74 -10.95 13.26 21.36
CA LEU A 74 -9.50 13.38 21.45
C LEU A 74 -8.76 12.06 21.35
N ARG A 75 -9.47 10.92 21.32
CA ARG A 75 -8.82 9.64 21.48
C ARG A 75 -8.07 9.21 20.21
N TYR A 76 -8.71 9.34 19.06
CA TYR A 76 -8.10 8.98 17.79
C TYR A 76 -7.77 10.23 16.99
N ASP A 77 -6.66 10.17 16.25
CA ASP A 77 -6.11 11.38 15.67
C ASP A 77 -5.47 11.09 14.31
N SER A 78 -6.09 10.21 13.54
CA SER A 78 -5.57 9.85 12.24
C SER A 78 -5.62 11.04 11.28
N LEU A 79 -4.67 11.06 10.35
CA LEU A 79 -4.56 12.08 9.30
C LEU A 79 -4.55 11.29 8.01
N PHE A 80 -5.71 11.14 7.39
CA PHE A 80 -5.90 10.25 6.27
C PHE A 80 -6.43 11.03 5.09
N PHE A 81 -5.83 10.80 3.93
CA PHE A 81 -6.13 11.56 2.73
C PHE A 81 -6.47 10.65 1.57
N ASN A 82 -7.42 11.10 0.76
CA ASN A 82 -7.94 10.33 -0.37
C ASN A 82 -7.86 11.17 -1.64
N LYS A 83 -7.26 10.60 -2.69
CA LYS A 83 -7.15 11.28 -3.97
C LYS A 83 -8.41 10.96 -4.77
N ALA A 84 -9.35 11.91 -4.82
CA ALA A 84 -10.61 11.69 -5.54
C ALA A 84 -10.46 11.93 -7.03
N GLN A 88 -7.46 16.75 -6.75
CA GLN A 88 -8.44 16.96 -5.68
C GLN A 88 -8.26 15.96 -4.54
N VAL A 89 -7.68 16.42 -3.44
CA VAL A 89 -7.33 15.58 -2.29
C VAL A 89 -8.24 15.96 -1.13
N ASP A 90 -8.88 14.96 -0.53
CA ASP A 90 -9.79 15.17 0.59
C ASP A 90 -9.18 14.54 1.83
N GLN A 91 -9.29 15.24 2.96
CA GLN A 91 -8.98 14.63 4.24
C GLN A 91 -10.25 14.03 4.81
N LEU A 92 -10.16 12.78 5.28
CA LEU A 92 -11.30 12.11 5.92
C LEU A 92 -11.04 11.97 7.41
N SER A 93 -12.03 12.29 8.22
CA SER A 93 -11.93 12.16 9.66
C SER A 93 -12.62 10.91 10.19
N SER A 94 -13.15 10.06 9.29
CA SER A 94 -14.12 9.05 9.67
C SER A 94 -13.56 8.05 10.65
N TRP A 95 -12.25 7.80 10.61
CA TRP A 95 -11.69 6.83 11.53
C TRP A 95 -11.62 7.35 12.95
N ASN A 96 -11.87 8.64 13.19
CA ASN A 96 -11.60 9.23 14.49
C ASN A 96 -12.80 9.32 15.42
N ASN A 97 -14.00 8.91 15.01
CA ASN A 97 -15.11 8.92 15.97
C ASN A 97 -15.01 7.66 16.82
N PRO A 98 -14.91 7.78 18.14
CA PRO A 98 -14.74 6.56 18.96
C PRO A 98 -15.89 5.60 18.82
N LYS A 99 -17.09 6.08 18.48
CA LYS A 99 -18.21 5.17 18.39
C LYS A 99 -17.96 4.10 17.33
N ALA A 100 -17.15 4.42 16.33
CA ALA A 100 -16.97 3.56 15.17
C ALA A 100 -15.88 2.52 15.34
N GLY A 101 -15.20 2.48 16.47
CA GLY A 101 -14.23 1.45 16.77
C GLY A 101 -12.79 1.89 16.76
N GLY A 102 -12.45 2.98 16.06
CA GLY A 102 -11.07 3.39 15.96
C GLY A 102 -10.31 2.56 14.94
N TYR A 103 -9.00 2.78 14.90
CA TYR A 103 -8.15 2.20 13.87
C TYR A 103 -7.03 1.30 14.39
N ASP A 104 -6.81 1.23 15.70
CA ASP A 104 -5.65 0.53 16.22
C ASP A 104 -5.85 -0.97 16.29
N ARG A 105 -6.98 -1.48 15.80
CA ARG A 105 -7.24 -2.92 15.71
CA ARG A 105 -7.17 -2.93 15.70
C ARG A 105 -7.28 -3.40 14.25
N GLU A 106 -7.02 -2.52 13.29
CA GLU A 106 -6.99 -2.92 11.90
C GLU A 106 -5.72 -3.70 11.61
N SER A 107 -5.81 -4.62 10.66
CA SER A 107 -4.69 -5.54 10.43
C SER A 107 -3.45 -4.79 9.95
N TRP A 108 -3.63 -3.75 9.12
CA TRP A 108 -2.49 -2.97 8.63
C TRP A 108 -1.86 -2.12 9.73
N TYR A 109 -2.62 -1.80 10.77
CA TYR A 109 -2.04 -1.11 11.91
C TYR A 109 -1.31 -2.09 12.81
N LEU A 110 -1.97 -3.18 13.18
CA LEU A 110 -1.38 -4.17 14.06
C LEU A 110 -0.12 -4.78 13.47
N ALA A 111 -0.07 -4.94 12.15
CA ALA A 111 1.11 -5.53 11.52
C ALA A 111 2.36 -4.70 11.80
N ALA A 112 2.21 -3.37 11.84
CA ALA A 112 3.34 -2.48 12.02
C ALA A 112 3.53 -2.02 13.47
N GLU A 113 2.52 -2.19 14.31
CA GLU A 113 2.56 -1.70 15.69
C GLU A 113 3.78 -2.21 16.43
N ARG A 114 4.60 -1.27 16.90
CA ARG A 114 5.79 -1.55 17.72
C ARG A 114 6.80 -2.45 17.00
N GLU A 115 6.75 -2.52 15.67
CA GLU A 115 7.78 -3.23 14.95
C GLU A 115 8.99 -2.32 14.70
N ALA A 116 10.07 -2.90 14.22
CA ALA A 116 11.28 -2.14 13.96
C ALA A 116 11.00 -1.10 12.88
N GLU A 117 11.48 0.12 13.10
CA GLU A 117 11.45 1.12 12.04
C GLU A 117 12.19 0.55 10.82
N GLY A 118 11.70 0.87 9.64
CA GLY A 118 12.30 0.36 8.43
C GLY A 118 11.75 -0.96 7.94
N LEU A 119 10.83 -1.58 8.68
CA LEU A 119 10.13 -2.76 8.20
C LEU A 119 8.82 -2.33 7.56
N TYR A 120 8.43 -3.02 6.48
CA TYR A 120 7.20 -2.75 5.76
C TYR A 120 6.30 -3.99 5.77
N PHE A 121 5.00 -3.75 5.75
CA PHE A 121 4.01 -4.82 5.89
C PHE A 121 2.88 -4.67 4.88
N TRP A 122 2.52 -5.82 4.31
CA TRP A 122 1.44 -5.92 3.33
C TRP A 122 0.12 -6.22 4.01
N SER A 123 -0.89 -5.47 3.69
CA SER A 123 -2.25 -5.85 4.05
C SER A 123 -2.82 -6.81 3.00
N PRO A 124 -3.85 -7.57 3.36
CA PRO A 124 -4.63 -8.26 2.32
C PRO A 124 -5.35 -7.23 1.44
N VAL A 125 -5.82 -7.69 0.29
CA VAL A 125 -6.76 -6.90 -0.50
C VAL A 125 -8.00 -6.63 0.35
N TYR A 126 -8.50 -5.38 0.29
CA TYR A 126 -9.75 -5.04 0.96
C TYR A 126 -10.36 -3.81 0.29
N VAL A 127 -11.64 -3.59 0.56
CA VAL A 127 -12.32 -2.36 0.13
C VAL A 127 -12.35 -1.42 1.33
N ASP A 128 -11.75 -0.26 1.17
CA ASP A 128 -11.66 0.70 2.27
C ASP A 128 -13.07 1.08 2.70
N PRO A 129 -13.40 0.99 3.98
CA PRO A 129 -14.81 1.14 4.39
C PRO A 129 -15.36 2.54 4.20
N TYR A 130 -14.50 3.55 4.04
CA TYR A 130 -14.95 4.92 3.90
C TYR A 130 -14.74 5.47 2.50
N THR A 131 -13.63 5.13 1.83
CA THR A 131 -13.46 5.59 0.46
C THR A 131 -14.09 4.63 -0.55
N ARG A 132 -14.36 3.38 -0.15
CA ARG A 132 -14.95 2.36 -1.01
C ARG A 132 -14.03 1.96 -2.16
N VAL A 133 -12.74 2.26 -2.06
CA VAL A 133 -11.78 1.86 -3.08
C VAL A 133 -11.18 0.52 -2.69
N GLU A 134 -11.18 -0.42 -3.62
CA GLU A 134 -10.53 -1.70 -3.40
C GLU A 134 -9.02 -1.53 -3.55
N MET A 135 -8.28 -2.03 -2.56
CA MET A 135 -6.90 -1.59 -2.41
C MET A 135 -6.06 -2.62 -1.68
N ILE A 136 -4.75 -2.42 -1.75
CA ILE A 136 -3.77 -3.07 -0.90
C ILE A 136 -2.98 -1.99 -0.18
N THR A 137 -2.70 -2.19 1.10
CA THR A 137 -2.03 -1.20 1.93
C THR A 137 -0.65 -1.69 2.36
N VAL A 138 0.34 -0.82 2.24
CA VAL A 138 1.65 -1.02 2.84
C VAL A 138 1.75 -0.11 4.05
N SER A 139 2.21 -0.65 5.16
CA SER A 139 2.30 0.10 6.41
C SER A 139 3.70 -0.05 6.99
N THR A 140 4.07 0.90 7.85
CA THR A 140 5.35 0.89 8.55
C THR A 140 5.21 1.71 9.82
N PRO A 141 5.91 1.33 10.88
CA PRO A 141 5.86 2.14 12.10
C PRO A 141 6.79 3.34 11.98
N TYR A 142 6.48 4.37 12.78
CA TYR A 142 7.39 5.48 13.01
C TYR A 142 7.50 5.74 14.51
N TYR A 143 8.64 6.28 14.91
CA TYR A 143 8.99 6.47 16.31
C TYR A 143 9.31 7.93 16.56
N ARG A 144 9.13 8.35 17.81
CA ARG A 144 9.56 9.67 18.25
C ARG A 144 10.12 9.53 19.66
N ASN A 145 11.34 10.02 19.88
CA ASN A 145 11.98 9.95 21.19
C ASN A 145 12.21 8.49 21.59
N GLY A 146 12.55 7.66 20.60
CA GLY A 146 12.80 6.26 20.84
C GLY A 146 11.58 5.43 21.17
N GLN A 147 10.40 6.04 21.18
CA GLN A 147 9.16 5.36 21.54
C GLN A 147 8.25 5.28 20.33
N PHE A 148 7.70 4.09 20.09
CA PHE A 148 6.72 3.92 19.02
C PHE A 148 5.68 5.04 19.09
N ALA A 149 5.40 5.66 17.94
CA ALA A 149 4.51 6.80 17.91
C ALA A 149 3.29 6.61 17.02
N GLY A 150 3.35 5.71 16.05
CA GLY A 150 2.22 5.54 15.15
C GLY A 150 2.59 4.65 13.98
N VAL A 151 1.64 4.53 13.06
CA VAL A 151 1.80 3.79 11.82
C VAL A 151 1.54 4.73 10.67
N ALA A 152 2.32 4.58 9.61
CA ALA A 152 2.10 5.29 8.35
C ALA A 152 1.63 4.29 7.30
N THR A 153 0.72 4.72 6.43
CA THR A 153 0.22 3.82 5.41
C THR A 153 0.19 4.50 4.05
N VAL A 154 0.33 3.69 3.01
CA VAL A 154 0.05 4.08 1.64
C VAL A 154 -0.85 3.01 1.04
N ASP A 155 -1.88 3.45 0.32
CA ASP A 155 -2.86 2.56 -0.29
C ASP A 155 -2.65 2.50 -1.81
N LEU A 156 -2.56 1.30 -2.34
CA LEU A 156 -2.43 1.08 -3.77
C LEU A 156 -3.80 0.71 -4.34
N SER A 157 -4.24 1.46 -5.35
CA SER A 157 -5.51 1.15 -5.99
C SER A 157 -5.38 -0.16 -6.75
N LEU A 158 -6.24 -1.12 -6.44
CA LEU A 158 -6.17 -2.39 -7.15
C LEU A 158 -6.51 -2.20 -8.62
N GLU A 159 -7.53 -1.39 -8.91
CA GLU A 159 -7.92 -1.17 -10.29
C GLU A 159 -6.75 -0.57 -11.07
N SER A 160 -6.04 0.38 -10.47
CA SER A 160 -4.94 0.99 -11.20
C SER A 160 -3.78 0.02 -11.37
N LEU A 161 -3.53 -0.81 -10.36
CA LEU A 161 -2.43 -1.78 -10.42
C LEU A 161 -2.70 -2.82 -11.50
N ILE A 162 -3.93 -3.34 -11.56
CA ILE A 162 -4.35 -4.28 -12.60
C ILE A 162 -4.14 -3.67 -13.98
N GLN A 163 -4.64 -2.46 -14.19
CA GLN A 163 -4.50 -1.82 -15.50
C GLN A 163 -3.04 -1.71 -15.90
N PHE A 164 -2.19 -1.32 -14.96
CA PHE A 164 -0.77 -1.12 -15.26
C PHE A 164 -0.09 -2.44 -15.57
N VAL A 165 -0.32 -3.45 -14.73
CA VAL A 165 0.36 -4.72 -14.95
C VAL A 165 -0.11 -5.36 -16.25
N ALA A 166 -1.42 -5.36 -16.49
CA ALA A 166 -1.93 -6.01 -17.68
C ALA A 166 -1.48 -5.29 -18.93
N ALA A 167 -1.52 -3.96 -18.93
CA ALA A 167 -1.10 -3.21 -20.10
C ALA A 167 0.38 -3.44 -20.39
N THR A 168 1.19 -3.51 -19.34
CA THR A 168 2.63 -3.73 -19.52
C THR A 168 2.89 -5.12 -20.05
N ALA A 169 2.24 -6.12 -19.45
CA ALA A 169 2.37 -7.48 -19.95
C ALA A 169 1.99 -7.57 -21.42
N GLU A 170 0.84 -6.98 -21.79
CA GLU A 170 0.40 -7.02 -23.17
C GLU A 170 1.44 -6.43 -24.11
N GLN A 171 2.02 -5.28 -23.74
CA GLN A 171 3.04 -4.67 -24.57
C GLN A 171 4.23 -5.59 -24.77
N TYR A 172 4.61 -6.35 -23.74
CA TYR A 172 5.74 -7.28 -23.85
C TYR A 172 5.34 -8.65 -24.41
N ASN A 173 4.10 -8.81 -24.87
CA ASN A 173 3.64 -10.08 -25.46
C ASN A 173 3.75 -11.22 -24.45
N LEU A 174 3.24 -10.94 -23.25
CA LEU A 174 3.29 -11.87 -22.14
C LEU A 174 1.92 -12.02 -21.51
N GLY A 175 1.70 -13.20 -20.91
CA GLY A 175 0.64 -13.39 -19.94
C GLY A 175 1.28 -13.46 -18.56
N VAL A 176 0.54 -13.00 -17.55
CA VAL A 176 1.08 -12.92 -16.20
C VAL A 176 0.00 -13.19 -15.17
N ASN A 177 0.36 -13.91 -14.11
CA ASN A 177 -0.41 -14.03 -12.88
C ASN A 177 0.42 -13.40 -11.76
N LEU A 178 -0.17 -12.48 -11.01
CA LEU A 178 0.48 -11.85 -9.87
C LEU A 178 -0.34 -12.19 -8.64
N LYS A 179 0.29 -12.87 -7.68
CA LYS A 179 -0.36 -13.25 -6.43
C LYS A 179 0.28 -12.51 -5.26
N ASP A 180 -0.51 -12.24 -4.22
CA ASP A 180 0.05 -11.53 -3.08
C ASP A 180 0.49 -12.51 -1.99
N ALA A 181 0.90 -11.97 -0.84
CA ALA A 181 1.43 -12.77 0.26
C ALA A 181 0.37 -13.64 0.92
N PHE A 182 -0.90 -13.44 0.58
CA PHE A 182 -2.00 -14.24 1.12
C PHE A 182 -2.55 -15.21 0.09
N GLY A 183 -1.88 -15.35 -1.06
CA GLY A 183 -2.32 -16.26 -2.08
C GLY A 183 -3.40 -15.72 -3.00
N VAL A 184 -3.75 -14.45 -2.88
CA VAL A 184 -4.83 -13.88 -3.66
C VAL A 184 -4.30 -13.45 -5.01
N GLU A 185 -5.06 -13.75 -6.06
CA GLU A 185 -4.69 -13.41 -7.43
C GLU A 185 -4.99 -11.94 -7.65
N VAL A 186 -3.95 -11.10 -7.55
CA VAL A 186 -4.11 -9.67 -7.71
C VAL A 186 -4.41 -9.33 -9.17
N VAL A 187 -3.64 -9.90 -10.09
CA VAL A 187 -3.85 -9.69 -11.53
C VAL A 187 -3.67 -11.02 -12.25
N SER A 188 -4.54 -11.30 -13.21
CA SER A 188 -4.30 -12.40 -14.16
C SER A 188 -4.64 -11.90 -15.55
N HIS A 189 -3.63 -11.76 -16.40
CA HIS A 189 -3.86 -11.23 -17.74
C HIS A 189 -3.29 -12.18 -18.77
N ASN A 190 -4.16 -12.74 -19.60
CA ASN A 190 -3.79 -13.61 -20.73
C ASN A 190 -2.85 -14.74 -20.30
N PHE A 191 -3.13 -15.32 -19.14
CA PHE A 191 -2.31 -16.37 -18.56
C PHE A 191 -3.03 -17.71 -18.67
N ARG A 192 -2.37 -18.68 -19.29
CA ARG A 192 -2.84 -20.06 -19.35
C ARG A 192 -1.67 -20.91 -19.81
N THR A 193 -1.79 -22.21 -19.58
CA THR A 193 -0.73 -23.14 -19.88
C THR A 193 -1.34 -24.33 -20.61
N TYR A 194 -0.73 -24.69 -21.75
CA TYR A 194 -1.14 -25.84 -22.54
C TYR A 194 0.00 -26.10 -23.52
N ASP A 195 0.05 -27.33 -24.03
CA ASP A 195 1.07 -27.70 -25.00
C ASP A 195 2.47 -27.50 -24.44
N ASN A 196 2.64 -27.71 -23.13
CA ASN A 196 3.94 -27.69 -22.49
C ASN A 196 4.64 -26.34 -22.64
N ALA A 197 3.87 -25.26 -22.56
CA ALA A 197 4.47 -23.93 -22.52
C ALA A 197 5.28 -23.74 -21.25
N LEU A 198 6.44 -23.12 -21.38
CA LEU A 198 7.25 -22.85 -20.20
C LEU A 198 6.64 -21.69 -19.41
N VAL A 199 6.79 -21.78 -18.10
CA VAL A 199 6.39 -20.72 -17.18
C VAL A 199 7.64 -20.20 -16.51
N SER A 200 7.82 -18.88 -16.52
CA SER A 200 8.89 -18.22 -15.81
C SER A 200 8.37 -17.69 -14.48
N TYR A 201 9.00 -18.09 -13.38
CA TYR A 201 8.54 -17.71 -12.06
C TYR A 201 9.49 -16.66 -11.47
N TYR A 202 8.93 -15.66 -10.80
CA TYR A 202 9.75 -14.66 -10.13
C TYR A 202 9.09 -14.30 -8.81
N SER A 203 9.86 -14.39 -7.73
CA SER A 203 9.36 -14.06 -6.40
C SER A 203 9.98 -12.76 -5.94
N PHE A 204 9.14 -11.80 -5.54
CA PHE A 204 9.66 -10.58 -4.93
C PHE A 204 10.07 -10.80 -3.48
N GLY A 205 9.81 -11.98 -2.93
CA GLY A 205 10.13 -12.31 -1.56
C GLY A 205 9.24 -13.44 -1.05
N GLU A 206 9.67 -14.06 0.05
CA GLU A 206 8.95 -15.24 0.55
C GLU A 206 7.51 -14.89 0.91
N PHE A 207 7.31 -13.72 1.53
CA PHE A 207 5.95 -13.27 1.82
C PHE A 207 5.67 -11.98 1.07
N ASN A 208 5.91 -11.99 -0.22
CA ASN A 208 5.77 -10.80 -1.05
C ASN A 208 5.12 -11.28 -2.35
N TRP A 209 5.03 -10.38 -3.32
CA TRP A 209 4.36 -10.71 -4.56
C TRP A 209 5.07 -11.84 -5.31
N GLN A 210 4.30 -12.65 -6.02
CA GLN A 210 4.83 -13.71 -6.88
C GLN A 210 4.28 -13.54 -8.27
N ILE A 211 5.11 -13.69 -9.29
CA ILE A 211 4.56 -13.68 -10.64
C ILE A 211 4.93 -14.96 -11.37
N GLU A 212 3.99 -15.43 -12.19
CA GLU A 212 4.19 -16.48 -13.16
C GLU A 212 3.99 -15.81 -14.52
N VAL A 213 4.90 -16.06 -15.45
CA VAL A 213 4.89 -15.41 -16.75
C VAL A 213 4.93 -16.47 -17.85
N VAL A 214 4.07 -16.31 -18.86
CA VAL A 214 4.10 -17.11 -20.07
C VAL A 214 4.21 -16.21 -21.29
N ASN A 215 4.63 -16.81 -22.39
CA ASN A 215 4.61 -16.12 -23.67
C ASN A 215 3.18 -16.01 -24.16
N ALA A 216 2.82 -14.88 -24.75
CA ALA A 216 1.52 -14.74 -25.39
C ALA A 216 1.63 -15.05 -26.87
N ASN A 217 0.58 -15.69 -27.41
CA ASN A 217 0.54 -16.16 -28.78
C ASN A 217 -0.35 -15.28 -29.65
C 2A1 B . -5.35 2.62 5.45
N 2A1 B . -7.08 2.70 3.71
O 2A1 B . -4.45 3.40 4.74
CA 2A1 B . -6.75 3.07 5.07
C3 2A1 B . -7.78 2.38 5.98
H1 2A1 B . -5.20 2.74 6.52
H1A 2A1 B . -5.22 1.57 5.19
H 2A1 B . -7.62 1.87 3.71
H2 2A1 B . -6.25 2.57 3.19
HO1 2A1 B . -3.61 2.96 4.71
HA 2A1 B . -6.78 4.14 5.18
H3 2A1 B . -7.59 2.66 7.01
H3A 2A1 B . -7.69 1.31 5.87
H3B 2A1 B . -8.78 2.69 5.69
CL CL C . -7.25 -9.47 -13.00
#